data_2QET
#
_entry.id   2QET
#
_cell.length_a   43.619
_cell.length_b   61.541
_cell.length_c   91.626
_cell.angle_alpha   90.00
_cell.angle_beta   90.00
_cell.angle_gamma   90.00
#
_symmetry.space_group_name_H-M   'P 21 21 21'
#
loop_
_entity.id
_entity.type
_entity.pdbx_description
1 polymer 'Ribosome-inactivating protein PD-L4'
2 non-polymer ADENINE
3 water water
#
_entity_poly.entity_id   1
_entity_poly.type   'polypeptide(L)'
_entity_poly.pdbx_seq_one_letter_code
;VNTITFDVGNATINKYATFMESLRNEAKDPTLKCYGIPMLPDSNLTPKYVLVKLQDASSKTITLMLRRNNLYVMGYSDLY
NGKCRYHIFNDISSTESTDVENTLCPNSNSREKKAINYNSQYSTLQNKAGVSSRSQVQLGIQILNSDIGKISGVSTFTDK
TEAEFLLVAIQMVSEAARFKYIENQVKTNFNRAFNPNPKVLSLEENWGKIALAIHNAKNGALTSPLELKNADDTKWIVLR
VDEIKPDMGLLNYVSGTCQTT
;
_entity_poly.pdbx_strand_id   A
#
# COMPACT_ATOMS: atom_id res chain seq x y z
N VAL A 1 -15.55 4.26 -8.67
CA VAL A 1 -14.33 4.15 -7.86
C VAL A 1 -14.12 5.48 -7.14
N ASN A 2 -13.75 5.41 -5.88
CA ASN A 2 -13.46 6.59 -5.06
C ASN A 2 -12.01 6.98 -5.20
N THR A 3 -11.78 8.29 -5.12
CA THR A 3 -10.46 8.81 -4.97
C THR A 3 -10.28 9.46 -3.60
N ILE A 4 -9.31 8.96 -2.85
CA ILE A 4 -8.98 9.56 -1.55
C ILE A 4 -7.71 10.36 -1.71
N THR A 5 -7.72 11.59 -1.25
CA THR A 5 -6.58 12.48 -1.35
C THR A 5 -5.81 12.59 -0.05
N PHE A 6 -4.49 12.46 -0.16
CA PHE A 6 -3.59 12.76 0.95
C PHE A 6 -2.64 13.88 0.54
N ASP A 7 -2.75 14.98 1.31
CA ASP A 7 -1.89 16.14 1.06
C ASP A 7 -0.55 15.94 1.74
N VAL A 8 0.40 15.40 0.99
CA VAL A 8 1.75 15.15 1.52
C VAL A 8 2.46 16.45 1.86
N GLY A 9 2.20 17.46 1.02
CA GLY A 9 2.90 18.75 1.15
C GLY A 9 2.51 19.55 2.37
N ASN A 10 1.33 19.35 2.92
CA ASN A 10 0.84 20.02 4.11
C ASN A 10 0.37 18.98 5.12
N ALA A 11 1.12 17.88 5.23
CA ALA A 11 0.74 16.81 6.09
C ALA A 11 0.95 17.06 7.57
N THR A 12 0.10 16.42 8.38
CA THR A 12 0.25 16.33 9.83
C THR A 12 -0.09 14.90 10.25
N ILE A 13 0.31 14.56 11.47
CA ILE A 13 -0.01 13.23 12.01
C ILE A 13 -1.50 13.03 11.93
N ASN A 14 -2.28 14.01 12.33
CA ASN A 14 -3.72 13.83 12.39
C ASN A 14 -4.30 13.61 11.02
N LYS A 15 -3.93 14.26 9.99
CA LYS A 15 -4.34 14.24 8.62
C LYS A 15 -3.91 12.87 8.08
N TYR A 16 -2.72 12.39 8.45
CA TYR A 16 -2.34 11.03 8.01
C TYR A 16 -3.19 9.98 8.64
N ALA A 17 -3.49 10.10 9.94
CA ALA A 17 -4.43 9.18 10.61
C ALA A 17 -5.77 9.15 9.96
N THR A 18 -6.29 10.33 9.58
CA THR A 18 -7.57 10.42 8.93
C THR A 18 -7.51 9.77 7.56
N PHE A 19 -6.44 9.97 6.82
CA PHE A 19 -6.19 9.30 5.53
C PHE A 19 -6.28 7.79 5.65
N MET A 20 -5.56 7.26 6.65
CA MET A 20 -5.57 5.82 6.87
C MET A 20 -6.98 5.35 7.21
N GLU A 21 -7.70 6.08 8.05
CA GLU A 21 -9.07 5.72 8.38
C GLU A 21 -9.96 5.68 7.18
N SER A 22 -9.83 6.71 6.33
CA SER A 22 -10.66 6.80 5.14
C SER A 22 -10.32 5.66 4.17
N LEU A 23 -9.03 5.36 3.97
CA LEU A 23 -8.64 4.30 3.03
C LEU A 23 -9.10 2.93 3.54
N ARG A 24 -8.93 2.61 4.80
CA ARG A 24 -9.44 1.36 5.33
C ARG A 24 -10.95 1.29 5.20
N ASN A 25 -11.65 2.38 5.50
CA ASN A 25 -13.11 2.35 5.45
C ASN A 25 -13.65 2.20 4.05
N GLU A 26 -12.96 2.72 3.05
CA GLU A 26 -13.33 2.50 1.65
C GLU A 26 -12.97 1.11 1.16
N ALA A 27 -11.79 0.61 1.53
CA ALA A 27 -11.31 -0.67 0.98
C ALA A 27 -12.02 -1.86 1.58
N LYS A 28 -12.29 -1.85 2.89
CA LYS A 28 -12.81 -3.01 3.60
C LYS A 28 -14.12 -3.49 2.96
N ASP A 29 -14.36 -4.81 3.07
CA ASP A 29 -15.72 -5.32 2.84
C ASP A 29 -16.68 -4.61 3.75
N PRO A 30 -17.92 -4.32 3.41
CA PRO A 30 -18.83 -3.74 4.40
C PRO A 30 -19.09 -4.61 5.61
N THR A 31 -18.92 -5.93 5.57
CA THR A 31 -19.29 -6.74 6.74
C THR A 31 -18.21 -7.72 7.16
N LEU A 32 -17.41 -8.26 6.21
CA LEU A 32 -16.49 -9.29 6.63
C LEU A 32 -15.46 -8.80 7.65
N LYS A 33 -15.26 -9.65 8.66
CA LYS A 33 -14.30 -9.41 9.71
C LYS A 33 -13.98 -10.71 10.41
N CYS A 34 -12.79 -10.78 11.05
CA CYS A 34 -12.49 -11.88 11.95
C CYS A 34 -11.87 -11.31 13.20
N TYR A 35 -12.32 -11.79 14.36
CA TYR A 35 -11.83 -11.24 15.63
C TYR A 35 -11.94 -9.72 15.65
N GLY A 36 -12.98 -9.14 15.06
CA GLY A 36 -13.18 -7.70 15.10
C GLY A 36 -12.36 -6.90 14.10
N ILE A 37 -11.51 -7.55 13.32
CA ILE A 37 -10.61 -6.89 12.37
C ILE A 37 -11.26 -6.92 10.99
N PRO A 38 -11.47 -5.75 10.36
CA PRO A 38 -12.12 -5.73 9.04
C PRO A 38 -11.27 -6.45 8.01
N MET A 39 -11.96 -7.14 7.13
CA MET A 39 -11.36 -7.88 6.02
C MET A 39 -11.68 -7.26 4.66
N LEU A 40 -10.72 -7.32 3.75
CA LEU A 40 -10.91 -6.91 2.36
C LEU A 40 -11.90 -7.82 1.65
N PRO A 41 -12.58 -7.33 0.62
CA PRO A 41 -13.59 -8.12 -0.06
C PRO A 41 -13.02 -9.11 -1.07
N ASP A 42 -13.90 -9.98 -1.53
CA ASP A 42 -13.60 -10.85 -2.68
C ASP A 42 -13.34 -9.97 -3.90
N SER A 43 -12.79 -10.56 -4.92
CA SER A 43 -12.35 -9.85 -6.13
C SER A 43 -13.52 -9.39 -7.01
N ASN A 44 -14.74 -9.77 -6.65
CA ASN A 44 -15.90 -9.42 -7.47
C ASN A 44 -16.64 -8.23 -6.93
N LEU A 45 -16.46 -7.90 -5.66
CA LEU A 45 -17.22 -6.75 -5.11
C LEU A 45 -16.78 -5.46 -5.82
N THR A 46 -17.76 -4.63 -6.19
CA THR A 46 -17.54 -3.37 -6.82
C THR A 46 -17.75 -2.21 -5.81
N PRO A 47 -17.05 -1.10 -5.98
CA PRO A 47 -15.91 -0.92 -6.90
C PRO A 47 -14.74 -1.86 -6.52
N LYS A 48 -14.06 -2.35 -7.55
CA LYS A 48 -12.97 -3.27 -7.32
C LYS A 48 -11.67 -2.59 -6.97
N TYR A 49 -11.66 -1.28 -7.04
CA TYR A 49 -10.41 -0.49 -6.96
C TYR A 49 -10.67 0.72 -6.05
N VAL A 50 -9.57 1.27 -5.55
CA VAL A 50 -9.58 2.55 -4.85
C VAL A 50 -8.43 3.39 -5.40
N LEU A 51 -8.63 4.65 -5.66
CA LEU A 51 -7.57 5.54 -6.12
C LEU A 51 -7.11 6.37 -4.92
N VAL A 52 -5.81 6.61 -4.88
CA VAL A 52 -5.20 7.43 -3.84
C VAL A 52 -4.38 8.52 -4.49
N LYS A 53 -4.82 9.76 -4.33
CA LYS A 53 -4.15 10.90 -4.94
C LYS A 53 -3.23 11.57 -3.92
N LEU A 54 -1.95 11.55 -4.26
CA LEU A 54 -0.91 12.13 -3.43
C LEU A 54 -0.58 13.52 -3.97
N GLN A 55 -0.65 14.53 -3.12
CA GLN A 55 -0.40 15.90 -3.50
C GLN A 55 0.89 16.41 -2.88
N ASP A 56 1.81 16.98 -3.65
CA ASP A 56 3.03 17.56 -3.08
C ASP A 56 2.77 19.01 -2.73
N ALA A 57 3.74 19.77 -2.32
CA ALA A 57 3.77 21.07 -1.71
C ALA A 57 3.52 22.06 -2.84
N SER A 58 3.76 21.63 -4.07
CA SER A 58 3.40 22.55 -5.17
C SER A 58 2.13 22.16 -5.87
N SER A 59 1.36 21.30 -5.23
CA SER A 59 0.08 20.83 -5.73
C SER A 59 0.25 19.94 -6.98
N LYS A 60 1.48 19.51 -7.35
CA LYS A 60 1.63 18.41 -8.32
C LYS A 60 1.01 17.18 -7.66
N THR A 61 0.46 16.27 -8.44
CA THR A 61 -0.11 15.05 -7.90
C THR A 61 0.35 13.81 -8.66
N ILE A 62 0.26 12.69 -7.95
CA ILE A 62 0.36 11.36 -8.53
C ILE A 62 -0.79 10.57 -7.93
N THR A 63 -1.54 9.85 -8.79
CA THR A 63 -2.64 9.02 -8.32
C THR A 63 -2.29 7.55 -8.43
N LEU A 64 -2.31 6.85 -7.28
CA LEU A 64 -2.06 5.43 -7.28
C LEU A 64 -3.37 4.71 -7.48
N MET A 65 -3.38 3.55 -8.14
CA MET A 65 -4.59 2.73 -8.26
C MET A 65 -4.35 1.47 -7.47
N LEU A 66 -5.19 1.19 -6.50
CA LEU A 66 -5.09 0.03 -5.63
C LEU A 66 -6.19 -0.97 -5.94
N ARG A 67 -5.86 -2.23 -5.93
CA ARG A 67 -6.85 -3.29 -6.00
C ARG A 67 -7.48 -3.46 -4.62
N ARG A 68 -8.80 -3.46 -4.51
CA ARG A 68 -9.41 -3.57 -3.19
C ARG A 68 -9.16 -4.90 -2.54
N ASN A 69 -9.19 -5.98 -3.31
CA ASN A 69 -9.14 -7.32 -2.74
C ASN A 69 -7.84 -7.59 -2.00
N ASN A 70 -6.72 -7.04 -2.42
CA ASN A 70 -5.44 -7.28 -1.76
C ASN A 70 -4.62 -6.02 -1.50
N LEU A 71 -5.13 -4.84 -1.80
CA LEU A 71 -4.52 -3.52 -1.62
C LEU A 71 -3.21 -3.34 -2.39
N TYR A 72 -2.94 -4.13 -3.44
CA TYR A 72 -1.75 -3.89 -4.25
C TYR A 72 -1.90 -2.64 -5.09
N VAL A 73 -0.81 -1.89 -5.14
CA VAL A 73 -0.70 -0.82 -6.12
C VAL A 73 -0.50 -1.43 -7.50
N MET A 74 -1.41 -1.16 -8.43
CA MET A 74 -1.38 -1.71 -9.77
C MET A 74 -0.64 -0.83 -10.79
N GLY A 75 -0.54 0.46 -10.47
CA GLY A 75 0.01 1.47 -11.33
C GLY A 75 -0.33 2.85 -10.78
N TYR A 76 0.05 3.88 -11.54
CA TYR A 76 -0.21 5.24 -11.09
C TYR A 76 -0.35 6.14 -12.30
N SER A 77 -0.92 7.31 -12.10
CA SER A 77 -1.03 8.31 -13.17
C SER A 77 -0.42 9.65 -12.73
N ASP A 78 -0.08 10.41 -13.75
CA ASP A 78 0.31 11.83 -13.55
C ASP A 78 -0.13 12.60 -14.79
N LEU A 79 -0.17 13.92 -14.61
CA LEU A 79 -0.44 14.84 -15.70
C LEU A 79 0.89 15.23 -16.35
N TYR A 80 1.07 15.04 -17.66
N TYR A 80 0.89 14.98 -17.67
CA TYR A 80 2.33 15.35 -18.36
CA TYR A 80 2.28 15.51 -18.43
C TYR A 80 2.02 15.79 -19.77
C TYR A 80 1.81 15.86 -19.81
N ASN A 81 2.36 16.96 -20.25
CA ASN A 81 2.22 17.46 -21.60
C ASN A 81 0.76 17.49 -22.06
N GLY A 82 -0.12 17.85 -21.10
CA GLY A 82 -1.53 18.02 -21.27
C GLY A 82 -2.33 16.75 -21.19
N LYS A 83 -1.67 15.63 -20.97
CA LYS A 83 -2.36 14.35 -20.99
C LYS A 83 -2.29 13.63 -19.66
N CYS A 84 -3.25 12.73 -19.46
CA CYS A 84 -3.18 11.79 -18.38
C CYS A 84 -2.26 10.65 -18.73
N ARG A 85 -1.17 10.48 -18.01
CA ARG A 85 -0.19 9.44 -18.29
C ARG A 85 -0.41 8.28 -17.32
N TYR A 86 -0.64 7.09 -17.86
CA TYR A 86 -0.86 5.94 -17.00
C TYR A 86 0.33 4.99 -17.04
N HIS A 87 0.79 4.62 -15.85
CA HIS A 87 2.00 3.82 -15.67
C HIS A 87 1.57 2.52 -14.97
N ILE A 88 1.52 1.40 -15.68
CA ILE A 88 1.00 0.15 -15.16
C ILE A 88 2.16 -0.83 -14.97
N PHE A 89 2.18 -1.56 -13.89
CA PHE A 89 3.15 -2.62 -13.68
C PHE A 89 3.02 -3.66 -14.76
N ASN A 90 4.15 -4.35 -15.06
CA ASN A 90 4.13 -5.27 -16.17
C ASN A 90 3.62 -6.65 -15.83
N ASP A 91 3.15 -6.82 -14.61
CA ASP A 91 2.57 -8.12 -14.23
C ASP A 91 1.06 -8.08 -14.08
N ILE A 92 0.44 -6.99 -14.55
CA ILE A 92 -1.00 -6.85 -14.57
C ILE A 92 -1.52 -7.42 -15.87
N SER A 93 -2.56 -8.26 -15.71
CA SER A 93 -3.15 -8.89 -16.90
C SER A 93 -3.73 -7.90 -17.89
N SER A 94 -4.02 -8.37 -19.11
CA SER A 94 -4.67 -7.46 -20.07
C SER A 94 -6.00 -6.96 -19.56
N THR A 95 -6.84 -7.80 -18.97
CA THR A 95 -8.16 -7.35 -18.50
C THR A 95 -8.04 -6.27 -17.42
N GLU A 96 -7.19 -6.52 -16.41
CA GLU A 96 -6.98 -5.52 -15.37
C GLU A 96 -6.29 -4.30 -15.94
N SER A 97 -5.41 -4.42 -16.93
CA SER A 97 -4.73 -3.25 -17.48
C SER A 97 -5.73 -2.32 -18.14
N THR A 98 -6.70 -2.90 -18.88
CA THR A 98 -7.78 -2.10 -19.43
C THR A 98 -8.51 -1.36 -18.33
N ASP A 99 -8.76 -2.04 -17.18
CA ASP A 99 -9.41 -1.28 -16.09
C ASP A 99 -8.53 -0.17 -15.59
N VAL A 100 -7.26 -0.41 -15.45
CA VAL A 100 -6.35 0.61 -14.88
C VAL A 100 -6.31 1.80 -15.80
N GLU A 101 -6.16 1.55 -17.10
CA GLU A 101 -6.12 2.60 -18.11
C GLU A 101 -7.34 3.50 -17.99
N ASN A 102 -8.51 2.85 -17.96
CA ASN A 102 -9.76 3.58 -18.05
C ASN A 102 -10.17 4.13 -16.69
N THR A 103 -9.68 3.66 -15.57
CA THR A 103 -9.98 4.23 -14.29
C THR A 103 -9.06 5.36 -13.95
N LEU A 104 -7.74 5.19 -14.16
CA LEU A 104 -6.85 6.33 -13.94
C LEU A 104 -7.06 7.42 -14.96
N CYS A 105 -7.34 7.10 -16.22
CA CYS A 105 -7.39 8.06 -17.32
C CYS A 105 -8.61 7.81 -18.20
N PRO A 106 -9.75 8.15 -17.65
CA PRO A 106 -11.00 7.85 -18.38
C PRO A 106 -11.11 8.57 -19.72
N ASN A 107 -10.50 9.73 -19.89
CA ASN A 107 -10.52 10.41 -21.16
C ASN A 107 -9.52 9.77 -22.14
N SER A 108 -10.03 8.81 -22.92
CA SER A 108 -9.25 8.05 -23.88
C SER A 108 -8.69 8.94 -24.96
N ASN A 109 -9.25 10.17 -25.09
CA ASN A 109 -8.77 11.09 -26.13
C ASN A 109 -7.66 12.01 -25.65
N SER A 110 -7.22 11.89 -24.41
CA SER A 110 -6.10 12.73 -23.93
C SER A 110 -5.32 11.94 -22.90
N ARG A 111 -4.76 10.81 -23.28
CA ARG A 111 -3.99 10.00 -22.37
C ARG A 111 -2.79 9.42 -23.05
N GLU A 112 -1.85 8.87 -22.27
CA GLU A 112 -0.60 8.38 -22.79
C GLU A 112 -0.11 7.23 -21.93
N LYS A 113 0.30 6.16 -22.56
CA LYS A 113 0.93 5.06 -21.89
C LYS A 113 2.40 5.33 -21.55
N LYS A 114 2.77 5.13 -20.31
CA LYS A 114 4.19 5.13 -19.95
C LYS A 114 4.36 3.99 -18.94
N ALA A 115 4.61 2.80 -19.46
CA ALA A 115 4.61 1.61 -18.65
C ALA A 115 5.64 1.68 -17.56
N ILE A 116 5.36 0.89 -16.52
CA ILE A 116 6.34 0.51 -15.50
C ILE A 116 6.98 -0.78 -16.02
N ASN A 117 8.23 -0.73 -16.47
CA ASN A 117 8.75 -1.88 -17.24
C ASN A 117 9.44 -2.90 -16.35
N TYR A 118 8.76 -3.23 -15.27
CA TYR A 118 9.20 -4.28 -14.33
C TYR A 118 7.98 -4.64 -13.48
N ASN A 119 8.08 -5.77 -12.76
CA ASN A 119 6.95 -6.25 -11.98
C ASN A 119 6.96 -5.60 -10.60
N SER A 120 5.89 -5.93 -9.84
CA SER A 120 5.66 -5.14 -8.66
C SER A 120 6.10 -5.78 -7.35
N GLN A 121 6.88 -6.85 -7.48
CA GLN A 121 7.37 -7.51 -6.29
C GLN A 121 8.47 -6.64 -5.62
N TYR A 122 8.53 -6.76 -4.29
CA TYR A 122 9.59 -6.05 -3.56
C TYR A 122 10.96 -6.47 -4.02
N SER A 123 11.19 -7.73 -4.30
CA SER A 123 12.52 -8.12 -4.79
C SER A 123 12.94 -7.33 -6.04
N THR A 124 11.98 -7.16 -6.95
CA THR A 124 12.23 -6.40 -8.17
C THR A 124 12.46 -4.94 -7.92
N LEU A 125 11.57 -4.33 -7.12
CA LEU A 125 11.73 -2.90 -6.79
C LEU A 125 13.06 -2.61 -6.12
N GLN A 126 13.48 -3.52 -5.22
CA GLN A 126 14.76 -3.37 -4.56
C GLN A 126 15.89 -3.44 -5.59
N ASN A 127 15.81 -4.39 -6.50
CA ASN A 127 16.82 -4.52 -7.53
C ASN A 127 16.91 -3.20 -8.32
N LYS A 128 15.77 -2.68 -8.76
CA LYS A 128 15.78 -1.44 -9.53
C LYS A 128 16.31 -0.24 -8.74
N ALA A 129 16.05 -0.24 -7.44
CA ALA A 129 16.55 0.82 -6.56
C ALA A 129 18.00 0.59 -6.15
N GLY A 130 18.61 -0.53 -6.54
CA GLY A 130 20.01 -0.80 -6.22
C GLY A 130 20.31 -1.24 -4.83
N VAL A 131 19.31 -1.70 -4.08
CA VAL A 131 19.51 -2.02 -2.66
C VAL A 131 19.26 -3.51 -2.43
N SER A 132 20.02 -4.07 -1.52
CA SER A 132 19.87 -5.49 -1.20
C SER A 132 18.68 -5.70 -0.28
N SER A 133 18.21 -4.66 0.42
CA SER A 133 17.07 -4.73 1.32
C SER A 133 16.30 -3.43 1.28
N ARG A 134 14.95 -3.45 1.34
CA ARG A 134 14.28 -2.13 1.40
C ARG A 134 14.44 -1.56 2.78
N SER A 135 15.14 -2.21 3.73
CA SER A 135 15.57 -1.46 4.92
C SER A 135 16.42 -0.27 4.53
N GLN A 136 17.09 -0.30 3.38
CA GLN A 136 18.04 0.70 2.92
C GLN A 136 17.37 1.84 2.17
N VAL A 137 16.06 1.76 1.96
CA VAL A 137 15.32 2.84 1.30
C VAL A 137 14.52 3.57 2.39
N GLN A 138 14.92 4.77 2.80
CA GLN A 138 14.20 5.43 3.85
C GLN A 138 12.78 5.84 3.43
N LEU A 139 11.91 5.78 4.41
CA LEU A 139 10.56 6.25 4.33
C LEU A 139 10.46 7.62 4.99
N GLY A 140 9.43 8.39 4.64
CA GLY A 140 9.15 9.62 5.33
C GLY A 140 8.32 10.53 4.49
N ILE A 141 7.72 11.51 5.17
CA ILE A 141 6.84 12.47 4.54
C ILE A 141 7.58 13.40 3.59
N GLN A 142 8.71 13.97 4.01
CA GLN A 142 9.50 14.80 3.09
C GLN A 142 10.06 14.00 1.93
N ILE A 143 10.48 12.78 2.14
CA ILE A 143 10.93 11.93 1.06
C ILE A 143 9.79 11.70 0.08
N LEU A 144 8.61 11.36 0.54
CA LEU A 144 7.48 11.11 -0.37
C LEU A 144 7.19 12.37 -1.16
N ASN A 145 7.17 13.52 -0.49
CA ASN A 145 6.97 14.82 -1.16
C ASN A 145 7.99 15.06 -2.23
N SER A 146 9.27 14.89 -1.91
CA SER A 146 10.38 15.07 -2.86
C SER A 146 10.24 14.11 -4.05
N ASP A 147 9.86 12.85 -3.73
CA ASP A 147 9.80 11.86 -4.83
C ASP A 147 8.71 12.19 -5.84
N ILE A 148 7.59 12.71 -5.35
CA ILE A 148 6.51 13.13 -6.23
C ILE A 148 7.04 14.15 -7.24
N GLY A 149 7.86 15.08 -6.76
CA GLY A 149 8.42 16.09 -7.68
C GLY A 149 9.43 15.63 -8.67
N LYS A 150 10.02 14.44 -8.48
CA LYS A 150 10.93 13.85 -9.45
C LYS A 150 10.23 13.10 -10.56
N ILE A 151 8.94 12.90 -10.44
CA ILE A 151 8.17 12.05 -11.36
C ILE A 151 7.01 12.77 -11.98
N SER A 152 6.19 13.45 -11.19
CA SER A 152 4.97 14.01 -11.69
C SER A 152 5.26 15.14 -12.68
N GLY A 153 4.76 14.99 -13.92
CA GLY A 153 5.02 15.99 -14.93
C GLY A 153 6.42 15.94 -15.49
N VAL A 154 7.14 14.87 -15.27
CA VAL A 154 8.54 14.75 -15.69
C VAL A 154 8.59 13.77 -16.85
N SER A 155 9.04 14.22 -18.03
CA SER A 155 9.02 13.40 -19.21
C SER A 155 9.64 12.04 -19.02
N THR A 156 10.88 12.03 -18.58
CA THR A 156 11.68 10.82 -18.49
C THR A 156 12.39 10.88 -17.15
N PHE A 157 12.54 9.74 -16.53
CA PHE A 157 13.15 9.59 -15.23
C PHE A 157 13.69 8.16 -15.17
N THR A 158 14.63 7.95 -14.27
CA THR A 158 15.22 6.61 -14.24
C THR A 158 14.34 5.61 -13.49
N ASP A 159 14.58 4.32 -13.80
CA ASP A 159 13.88 3.24 -13.09
C ASP A 159 14.24 3.28 -11.60
N LYS A 160 15.41 3.74 -11.26
CA LYS A 160 15.80 3.84 -9.86
C LYS A 160 14.94 4.84 -9.12
N THR A 161 14.75 6.03 -9.56
CA THR A 161 13.91 7.09 -9.13
C THR A 161 12.49 6.57 -8.99
N GLU A 162 11.98 5.91 -10.01
CA GLU A 162 10.61 5.40 -9.98
C GLU A 162 10.44 4.31 -8.91
N ALA A 163 11.38 3.38 -8.85
CA ALA A 163 11.31 2.30 -7.88
C ALA A 163 11.43 2.79 -6.46
N GLU A 164 12.28 3.78 -6.22
CA GLU A 164 12.34 4.39 -4.93
C GLU A 164 10.99 5.00 -4.55
N PHE A 165 10.41 5.79 -5.43
CA PHE A 165 9.08 6.35 -5.18
C PHE A 165 8.08 5.25 -4.87
N LEU A 166 8.05 4.19 -5.66
CA LEU A 166 7.10 3.11 -5.46
C LEU A 166 7.31 2.41 -4.12
N LEU A 167 8.56 2.15 -3.74
CA LEU A 167 8.80 1.57 -2.46
C LEU A 167 8.27 2.42 -1.35
N VAL A 168 8.48 3.73 -1.45
CA VAL A 168 8.00 4.61 -0.39
C VAL A 168 6.49 4.72 -0.37
N ALA A 169 5.87 4.93 -1.51
CA ALA A 169 4.43 5.05 -1.58
C ALA A 169 3.70 3.75 -1.23
N ILE A 170 4.19 2.62 -1.72
CA ILE A 170 3.56 1.33 -1.37
C ILE A 170 3.52 1.16 0.14
N GLN A 171 4.64 1.47 0.80
CA GLN A 171 4.73 1.21 2.24
C GLN A 171 3.95 2.22 3.06
N MET A 172 4.02 3.51 2.68
CA MET A 172 3.32 4.54 3.39
C MET A 172 1.81 4.58 3.09
N VAL A 173 1.36 3.93 2.04
CA VAL A 173 -0.06 3.87 1.71
C VAL A 173 -0.59 2.45 1.97
N SER A 174 -0.22 1.46 1.15
CA SER A 174 -0.82 0.14 1.30
C SER A 174 -0.39 -0.57 2.55
N GLU A 175 0.91 -0.60 2.88
CA GLU A 175 1.33 -1.37 4.05
C GLU A 175 0.83 -0.70 5.32
N ALA A 176 0.82 0.62 5.36
CA ALA A 176 0.31 1.34 6.52
C ALA A 176 -1.19 1.08 6.68
N ALA A 177 -1.95 0.99 5.60
CA ALA A 177 -3.36 0.66 5.70
C ALA A 177 -3.54 -0.76 6.22
N ARG A 178 -2.75 -1.68 5.73
CA ARG A 178 -2.79 -3.07 6.18
C ARG A 178 -2.46 -3.24 7.66
N PHE A 179 -1.49 -2.45 8.14
CA PHE A 179 -0.94 -2.61 9.45
C PHE A 179 -0.93 -1.31 10.24
N LYS A 180 -1.76 -1.26 11.29
CA LYS A 180 -1.67 -0.14 12.24
C LYS A 180 -0.25 -0.01 12.76
N TYR A 181 0.50 -1.12 12.93
CA TYR A 181 1.88 -0.95 13.38
C TYR A 181 2.65 -0.06 12.46
N ILE A 182 2.49 -0.18 11.16
CA ILE A 182 3.25 0.57 10.15
C ILE A 182 2.72 2.01 10.08
N GLU A 183 1.40 2.20 10.11
CA GLU A 183 0.88 3.56 10.29
C GLU A 183 1.58 4.26 11.46
N ASN A 184 1.68 3.53 12.58
CA ASN A 184 2.24 4.12 13.76
C ASN A 184 3.73 4.38 13.66
N GLN A 185 4.46 3.56 12.89
CA GLN A 185 5.87 3.86 12.62
C GLN A 185 5.98 5.21 11.86
N VAL A 186 5.10 5.44 10.90
CA VAL A 186 5.11 6.70 10.16
C VAL A 186 4.80 7.84 11.13
N LYS A 187 3.78 7.68 11.97
CA LYS A 187 3.40 8.74 12.92
C LYS A 187 4.50 9.02 13.95
N THR A 188 5.15 8.00 14.50
CA THR A 188 6.23 8.16 15.47
C THR A 188 7.41 8.90 14.84
N ASN A 189 7.61 8.71 13.55
CA ASN A 189 8.71 9.33 12.79
C ASN A 189 8.22 10.44 11.89
N PHE A 190 7.10 11.11 12.25
CA PHE A 190 6.49 11.92 11.18
C PHE A 190 7.37 13.04 10.66
N ASN A 191 8.19 13.55 11.57
CA ASN A 191 9.05 14.70 11.22
C ASN A 191 10.40 14.32 10.64
N ARG A 192 10.66 13.06 10.29
CA ARG A 192 11.99 12.67 9.87
C ARG A 192 11.94 11.47 8.96
N ALA A 193 13.00 11.23 8.23
CA ALA A 193 13.19 10.00 7.49
C ALA A 193 13.44 8.87 8.49
N PHE A 194 13.05 7.66 8.08
CA PHE A 194 13.35 6.47 8.90
C PHE A 194 13.51 5.23 8.05
N ASN A 195 14.22 4.26 8.59
CA ASN A 195 14.44 2.99 7.88
C ASN A 195 13.45 1.98 8.40
N PRO A 196 12.73 1.26 7.56
CA PRO A 196 11.77 0.29 8.06
C PRO A 196 12.49 -0.81 8.82
N ASN A 197 12.03 -1.04 10.05
CA ASN A 197 12.71 -1.97 10.97
C ASN A 197 12.31 -3.39 10.66
N PRO A 198 12.97 -4.36 11.32
CA PRO A 198 12.66 -5.76 11.04
C PRO A 198 11.23 -6.20 11.25
N LYS A 199 10.53 -5.54 12.17
CA LYS A 199 9.11 -5.87 12.40
C LYS A 199 8.25 -5.33 11.28
N VAL A 200 8.52 -4.11 10.80
CA VAL A 200 7.84 -3.64 9.61
C VAL A 200 8.00 -4.63 8.46
N LEU A 201 9.25 -5.03 8.17
CA LEU A 201 9.47 -5.91 7.03
C LEU A 201 8.79 -7.26 7.20
N SER A 202 8.83 -7.84 8.39
CA SER A 202 8.25 -9.13 8.70
C SER A 202 6.74 -9.10 8.51
N LEU A 203 6.09 -8.05 9.04
CA LEU A 203 4.64 -7.90 8.88
C LEU A 203 4.33 -7.82 7.38
N GLU A 204 5.04 -6.96 6.67
CA GLU A 204 4.80 -6.81 5.23
C GLU A 204 4.86 -8.15 4.51
N GLU A 205 5.89 -8.95 4.81
CA GLU A 205 6.12 -10.19 4.12
C GLU A 205 5.14 -11.27 4.52
N ASN A 206 4.52 -11.16 5.68
CA ASN A 206 3.68 -12.22 6.20
C ASN A 206 2.18 -11.88 6.28
N TRP A 207 1.78 -10.78 5.69
CA TRP A 207 0.37 -10.35 5.78
C TRP A 207 -0.64 -11.44 5.38
N GLY A 208 -0.40 -12.12 4.26
CA GLY A 208 -1.29 -13.19 3.91
C GLY A 208 -1.39 -14.32 4.90
N LYS A 209 -0.22 -14.77 5.40
CA LYS A 209 -0.15 -15.80 6.43
C LYS A 209 -0.83 -15.31 7.71
N ILE A 210 -0.66 -14.05 8.09
CA ILE A 210 -1.30 -13.55 9.31
C ILE A 210 -2.82 -13.60 9.17
N ALA A 211 -3.32 -13.17 8.02
CA ALA A 211 -4.77 -13.19 7.81
C ALA A 211 -5.30 -14.59 7.97
N LEU A 212 -4.62 -15.56 7.38
CA LEU A 212 -5.07 -16.95 7.47
C LEU A 212 -5.00 -17.47 8.88
N ALA A 213 -3.98 -17.11 9.62
CA ALA A 213 -3.83 -17.55 10.98
C ALA A 213 -4.94 -16.99 11.84
N ILE A 214 -5.30 -15.75 11.71
CA ILE A 214 -6.37 -15.13 12.46
C ILE A 214 -7.72 -15.74 12.04
N HIS A 215 -7.97 -15.86 10.76
CA HIS A 215 -9.18 -16.48 10.24
C HIS A 215 -9.38 -17.90 10.76
N ASN A 216 -8.29 -18.65 10.88
CA ASN A 216 -8.35 -20.06 11.33
C ASN A 216 -8.36 -20.22 12.85
N ALA A 217 -8.03 -19.17 13.61
CA ALA A 217 -7.91 -19.35 15.05
C ALA A 217 -9.23 -19.71 15.69
N LYS A 218 -9.15 -20.62 16.68
CA LYS A 218 -10.30 -21.06 17.44
C LYS A 218 -10.19 -20.52 18.87
N ASN A 219 -11.22 -19.77 19.29
CA ASN A 219 -11.25 -19.18 20.61
C ASN A 219 -10.00 -18.34 20.89
N GLY A 220 -9.54 -17.68 19.86
CA GLY A 220 -8.37 -16.81 19.91
C GLY A 220 -7.04 -17.48 19.88
N ALA A 221 -7.00 -18.80 19.88
CA ALA A 221 -5.76 -19.56 19.83
C ALA A 221 -5.42 -19.91 18.41
N LEU A 222 -4.24 -19.47 17.93
CA LEU A 222 -3.81 -19.90 16.61
C LEU A 222 -3.69 -21.41 16.55
N THR A 223 -4.01 -21.99 15.40
CA THR A 223 -3.92 -23.41 15.22
C THR A 223 -2.46 -23.89 15.23
N SER A 224 -1.54 -23.07 14.72
CA SER A 224 -0.10 -23.35 14.85
C SER A 224 0.60 -22.04 15.10
N PRO A 225 1.76 -22.08 15.70
CA PRO A 225 2.49 -20.81 15.93
C PRO A 225 2.85 -20.10 14.65
N LEU A 226 2.76 -18.76 14.70
CA LEU A 226 3.11 -17.90 13.60
C LEU A 226 4.34 -17.08 13.95
N GLU A 227 5.43 -17.32 13.24
CA GLU A 227 6.69 -16.70 13.65
C GLU A 227 6.99 -15.47 12.81
N LEU A 228 7.10 -14.34 13.47
CA LEU A 228 7.35 -13.04 12.92
C LEU A 228 8.62 -12.49 13.55
N LYS A 229 8.88 -11.21 13.52
CA LYS A 229 10.03 -10.53 14.06
C LYS A 229 9.55 -9.39 14.94
N ASN A 230 10.27 -9.21 16.03
CA ASN A 230 10.22 -8.00 16.82
C ASN A 230 11.12 -6.95 16.17
N ALA A 231 11.01 -5.71 16.62
CA ALA A 231 11.71 -4.61 16.04
C ALA A 231 13.22 -4.67 16.22
N ASP A 232 13.70 -5.51 17.19
CA ASP A 232 15.15 -5.75 17.36
C ASP A 232 15.60 -6.97 16.59
N ASP A 233 14.81 -7.50 15.68
CA ASP A 233 15.12 -8.63 14.81
C ASP A 233 15.12 -9.96 15.55
N THR A 234 14.62 -10.00 16.79
CA THR A 234 14.41 -11.26 17.47
C THR A 234 13.09 -11.89 17.00
N LYS A 235 13.02 -13.21 17.20
CA LYS A 235 11.82 -13.93 16.82
C LYS A 235 10.64 -13.56 17.71
N TRP A 236 9.49 -13.43 17.05
CA TRP A 236 8.18 -13.16 17.69
C TRP A 236 7.26 -14.33 17.35
N ILE A 237 7.10 -15.22 18.31
CA ILE A 237 6.33 -16.43 18.06
C ILE A 237 4.90 -16.16 18.54
N VAL A 238 4.00 -15.85 17.63
CA VAL A 238 2.64 -15.49 17.96
C VAL A 238 1.80 -16.77 18.18
N LEU A 239 1.09 -16.80 19.31
CA LEU A 239 0.27 -17.92 19.71
C LEU A 239 -1.21 -17.60 19.81
N ARG A 240 -1.56 -16.32 20.03
CA ARG A 240 -2.95 -15.89 20.18
C ARG A 240 -3.20 -14.67 19.31
N VAL A 241 -4.49 -14.57 18.94
CA VAL A 241 -4.93 -13.38 18.19
C VAL A 241 -4.68 -12.10 18.98
N ASP A 242 -4.77 -12.19 20.33
CA ASP A 242 -4.62 -11.02 21.15
C ASP A 242 -3.30 -10.30 20.88
N GLU A 243 -2.22 -11.00 20.64
CA GLU A 243 -0.91 -10.45 20.48
C GLU A 243 -0.76 -9.73 19.14
N ILE A 244 -1.44 -10.24 18.07
CA ILE A 244 -1.23 -9.70 16.74
C ILE A 244 -2.29 -8.67 16.39
N LYS A 245 -3.53 -8.80 16.89
CA LYS A 245 -4.60 -7.91 16.53
C LYS A 245 -4.27 -6.42 16.62
N PRO A 246 -3.59 -5.91 17.66
CA PRO A 246 -3.29 -4.45 17.71
C PRO A 246 -2.53 -3.92 16.50
N ASP A 247 -1.70 -4.76 15.91
CA ASP A 247 -0.88 -4.35 14.77
C ASP A 247 -1.64 -4.31 13.46
N MET A 248 -2.84 -4.90 13.41
CA MET A 248 -3.59 -5.09 12.20
C MET A 248 -4.55 -3.95 11.88
N GLY A 249 -4.47 -3.50 10.62
CA GLY A 249 -5.45 -2.60 10.07
C GLY A 249 -6.52 -3.28 9.23
N LEU A 250 -6.11 -4.22 8.38
CA LEU A 250 -6.97 -4.95 7.46
C LEU A 250 -6.47 -6.36 7.26
N LEU A 251 -7.41 -7.29 7.22
CA LEU A 251 -7.11 -8.64 6.83
C LEU A 251 -7.22 -8.82 5.34
N ASN A 252 -6.26 -9.57 4.76
CA ASN A 252 -6.43 -10.02 3.39
C ASN A 252 -7.71 -10.85 3.30
N TYR A 253 -8.33 -10.85 2.10
CA TYR A 253 -9.50 -11.69 1.91
C TYR A 253 -9.18 -13.15 2.10
N VAL A 254 -10.00 -13.80 2.91
CA VAL A 254 -9.95 -15.24 3.11
C VAL A 254 -11.37 -15.78 3.00
N SER A 255 -11.57 -16.76 2.13
CA SER A 255 -12.89 -17.32 1.94
C SER A 255 -13.27 -18.18 3.15
N GLY A 256 -14.58 -18.26 3.37
CA GLY A 256 -15.11 -19.09 4.44
C GLY A 256 -15.35 -18.32 5.70
N THR A 257 -16.10 -18.90 6.64
CA THR A 257 -16.46 -18.24 7.88
C THR A 257 -15.31 -18.23 8.85
N CYS A 258 -15.40 -17.35 9.86
CA CYS A 258 -14.42 -17.33 10.92
C CYS A 258 -15.12 -16.86 12.19
N GLN A 259 -14.41 -16.89 13.30
CA GLN A 259 -14.87 -16.26 14.53
C GLN A 259 -14.89 -14.75 14.38
N THR A 260 -16.05 -14.10 14.37
CA THR A 260 -16.12 -12.75 13.84
C THR A 260 -15.73 -11.64 14.82
N THR A 261 -15.85 -11.98 16.12
CA THR A 261 -15.44 -11.03 17.14
C THR A 261 -14.54 -11.71 18.19
#